data_6FAL
#
_entry.id   6FAL
#
_cell.length_a   36.070
_cell.length_b   45.250
_cell.length_c   60.670
_cell.angle_alpha   90.000
_cell.angle_beta   104.020
_cell.angle_gamma   90.000
#
_symmetry.space_group_name_H-M   'P 1 21 1'
#
loop_
_entity.id
_entity.type
_entity.pdbx_description
1 polymer 'Trp operon repressor'
2 non-polymer 'INDOLYLPROPIONIC ACID'
3 water water
#
_entity_poly.entity_id   1
_entity_poly.type   'polypeptide(L)'
_entity_poly.pdbx_seq_one_letter_code
;AQQSPYSAAMAEQRHQEWLRFVDLLKNAYQNDLHLPLLNLMLTPDEREALGTRVRIVEELLRGEMSQRELKNELGAGIAT
ITRGSNYLKAAPVELRQWLEEVLLKSDLEHHHHHH
;
_entity_poly.pdbx_strand_id   A,B
#
# COMPACT_ATOMS: atom_id res chain seq x y z
N ALA A 9 18.67 11.43 7.91
CA ALA A 9 19.09 11.64 6.52
C ALA A 9 18.49 10.58 5.61
N MET A 10 18.84 9.32 5.86
CA MET A 10 18.11 8.21 5.25
C MET A 10 16.64 8.53 5.29
N ALA A 11 16.16 8.96 6.46
CA ALA A 11 14.73 9.07 6.71
C ALA A 11 14.05 10.08 5.78
N GLU A 12 14.74 11.19 5.49
CA GLU A 12 14.11 12.22 4.66
C GLU A 12 13.98 11.76 3.21
N GLN A 13 14.97 11.03 2.72
CA GLN A 13 14.88 10.45 1.38
C GLN A 13 13.76 9.41 1.34
N ARG A 14 13.67 8.57 2.37
CA ARG A 14 12.58 7.62 2.43
C ARG A 14 11.25 8.35 2.40
N HIS A 15 11.13 9.49 3.09
CA HIS A 15 9.83 10.16 3.08
C HIS A 15 9.49 10.65 1.69
N GLN A 16 10.48 11.23 0.98
CA GLN A 16 10.20 11.69 -0.38
C GLN A 16 9.77 10.52 -1.27
N GLU A 17 10.44 9.39 -1.14
CA GLU A 17 10.11 8.21 -1.93
C GLU A 17 8.71 7.70 -1.62
N TRP A 18 8.31 7.81 -0.35
CA TRP A 18 6.96 7.48 0.03
C TRP A 18 5.97 8.41 -0.64
N LEU A 19 6.22 9.72 -0.59
CA LEU A 19 5.30 10.64 -1.24
C LEU A 19 5.20 10.38 -2.73
N ARG A 20 6.27 9.96 -3.38
CA ARG A 20 6.20 9.61 -4.78
C ARG A 20 5.21 8.46 -5.00
N PHE A 21 5.22 7.45 -4.15
CA PHE A 21 4.21 6.40 -4.22
C PHE A 21 2.82 6.96 -3.99
N VAL A 22 2.65 7.81 -2.99
CA VAL A 22 1.32 8.38 -2.70
C VAL A 22 0.78 9.07 -3.94
N ASP A 23 1.60 9.89 -4.60
CA ASP A 23 1.19 10.57 -5.80
C ASP A 23 0.86 9.58 -6.93
N LEU A 24 1.69 8.56 -7.12
CA LEU A 24 1.47 7.57 -8.16
C LEU A 24 0.11 6.92 -7.98
N LEU A 25 -0.20 6.49 -6.78
CA LEU A 25 -1.47 5.85 -6.50
C LEU A 25 -2.62 6.83 -6.62
N LYS A 26 -2.47 8.07 -6.19
CA LYS A 26 -3.50 9.05 -6.37
C LYS A 26 -3.86 9.15 -7.83
N ASN A 27 -2.84 9.26 -8.67
CA ASN A 27 -3.04 9.38 -10.10
C ASN A 27 -3.58 8.11 -10.73
N ALA A 28 -3.23 6.96 -10.19
CA ALA A 28 -3.83 5.73 -10.68
C ALA A 28 -5.32 5.71 -10.42
N TYR A 29 -5.75 6.11 -9.22
CA TYR A 29 -7.19 6.19 -8.98
C TYR A 29 -7.84 7.12 -10.00
N GLN A 30 -7.22 8.27 -10.28
CA GLN A 30 -7.80 9.24 -11.21
C GLN A 30 -7.96 8.69 -12.61
N ASN A 31 -7.12 7.75 -13.00
CA ASN A 31 -7.10 7.11 -14.31
C ASN A 31 -7.73 5.72 -14.30
N ASP A 32 -8.37 5.33 -13.22
CA ASP A 32 -8.99 4.02 -13.13
C ASP A 32 -8.00 2.91 -13.33
N LEU A 33 -6.78 3.09 -12.83
CA LEU A 33 -5.72 2.10 -12.89
C LEU A 33 -5.27 1.65 -11.51
N HIS A 34 -6.01 2.02 -10.47
CA HIS A 34 -5.64 1.64 -9.11
C HIS A 34 -5.59 0.14 -8.89
N LEU A 35 -6.55 -0.61 -9.40
CA LEU A 35 -6.52 -2.06 -9.12
C LEU A 35 -5.33 -2.71 -9.79
N PRO A 36 -5.06 -2.50 -11.07
CA PRO A 36 -3.83 -3.11 -11.62
C PRO A 36 -2.56 -2.57 -10.95
N LEU A 37 -2.53 -1.30 -10.59
CA LEU A 37 -1.33 -0.81 -9.92
C LEU A 37 -1.12 -1.52 -8.59
N LEU A 38 -2.18 -1.70 -7.81
CA LEU A 38 -2.00 -2.36 -6.53
C LEU A 38 -1.73 -3.84 -6.69
N ASN A 39 -2.16 -4.46 -7.78
CA ASN A 39 -1.81 -5.85 -8.06
C ASN A 39 -0.34 -5.96 -8.44
N LEU A 40 0.23 -4.92 -9.02
CA LEU A 40 1.64 -4.86 -9.30
C LEU A 40 2.46 -4.60 -8.05
N MET A 41 2.02 -3.69 -7.20
CA MET A 41 2.85 -3.11 -6.15
C MET A 41 2.79 -3.84 -4.81
N LEU A 42 1.84 -4.74 -4.64
CA LEU A 42 1.64 -5.46 -3.38
C LEU A 42 1.60 -6.97 -3.64
N THR A 43 2.07 -7.77 -2.72
CA THR A 43 1.92 -9.22 -2.84
C THR A 43 0.53 -9.67 -2.37
N PRO A 44 0.15 -10.91 -2.69
CA PRO A 44 -1.13 -11.42 -2.17
C PRO A 44 -1.22 -11.35 -0.65
N ASP A 45 -0.16 -11.71 0.06
CA ASP A 45 -0.20 -11.67 1.52
C ASP A 45 -0.38 -10.25 2.03
N GLU A 46 0.22 -9.27 1.36
CA GLU A 46 0.05 -7.89 1.79
C GLU A 46 -1.36 -7.40 1.55
N ARG A 47 -1.95 -7.75 0.42
CA ARG A 47 -3.32 -7.37 0.18
C ARG A 47 -4.25 -8.02 1.19
N GLU A 48 -4.05 -9.28 1.50
CA GLU A 48 -4.88 -9.93 2.48
C GLU A 48 -4.74 -9.26 3.84
N ALA A 49 -3.53 -8.89 4.22
CA ALA A 49 -3.33 -8.21 5.50
C ALA A 49 -4.09 -6.90 5.54
N LEU A 50 -4.03 -6.13 4.47
CA LEU A 50 -4.74 -4.86 4.45
C LEU A 50 -6.25 -5.04 4.57
N GLY A 51 -6.80 -6.04 3.90
CA GLY A 51 -8.22 -6.31 4.06
C GLY A 51 -8.59 -6.64 5.49
N THR A 52 -7.73 -7.42 6.15
CA THR A 52 -7.97 -7.77 7.55
C THR A 52 -7.82 -6.55 8.46
N ARG A 53 -6.86 -5.69 8.18
CA ARG A 53 -6.68 -4.50 8.98
C ARG A 53 -7.91 -3.60 8.95
N VAL A 54 -8.59 -3.50 7.80
CA VAL A 54 -9.83 -2.71 7.77
C VAL A 54 -10.83 -3.28 8.76
N ARG A 55 -11.00 -4.60 8.76
CA ARG A 55 -11.91 -5.22 9.70
CA ARG A 55 -11.90 -5.23 9.70
C ARG A 55 -11.48 -4.99 11.14
N ILE A 56 -10.19 -5.02 11.42
CA ILE A 56 -9.72 -4.76 12.78
C ILE A 56 -10.11 -3.34 13.19
N VAL A 57 -9.80 -2.37 12.33
CA VAL A 57 -10.18 -1.00 12.62
C VAL A 57 -11.68 -0.89 12.85
N GLU A 58 -12.46 -1.47 11.94
CA GLU A 58 -13.91 -1.40 12.06
C GLU A 58 -14.37 -1.92 13.41
N GLU A 59 -13.85 -3.07 13.84
CA GLU A 59 -14.32 -3.68 15.07
C GLU A 59 -13.77 -2.97 16.30
N LEU A 60 -12.57 -2.41 16.24
CA LEU A 60 -12.08 -1.59 17.32
C LEU A 60 -12.96 -0.35 17.49
N LEU A 61 -13.31 0.31 16.40
CA LEU A 61 -14.21 1.46 16.49
C LEU A 61 -15.59 1.06 17.00
N ARG A 62 -16.11 -0.08 16.55
CA ARG A 62 -17.41 -0.53 17.01
C ARG A 62 -17.38 -0.83 18.51
N GLY A 63 -16.29 -1.40 19.01
CA GLY A 63 -16.10 -1.56 20.44
C GLY A 63 -16.92 -2.65 21.09
N GLU A 64 -17.49 -3.57 20.30
CA GLU A 64 -18.27 -4.68 20.85
C GLU A 64 -17.41 -5.91 21.14
N MET A 65 -16.51 -6.28 20.23
CA MET A 65 -15.68 -7.47 20.40
C MET A 65 -14.50 -7.18 21.34
N SER A 66 -14.16 -8.15 22.18
CA SER A 66 -12.85 -8.08 22.85
C SER A 66 -11.74 -8.37 21.84
N GLN A 67 -10.51 -7.97 22.16
CA GLN A 67 -9.41 -8.21 21.23
C GLN A 67 -9.18 -9.70 20.99
N ARG A 68 -9.39 -10.55 22.02
CA ARG A 68 -9.23 -11.99 21.84
C ARG A 68 -10.37 -12.55 21.01
N GLU A 69 -11.57 -12.01 21.20
CA GLU A 69 -12.69 -12.38 20.37
C GLU A 69 -12.41 -11.97 18.92
N LEU A 70 -11.86 -10.76 18.72
CA LEU A 70 -11.47 -10.30 17.39
C LEU A 70 -10.46 -11.25 16.74
N LYS A 71 -9.55 -11.81 17.55
CA LYS A 71 -8.60 -12.82 17.07
C LYS A 71 -9.31 -13.94 16.31
N ASN A 72 -10.26 -14.59 16.97
CA ASN A 72 -10.96 -15.71 16.34
C ASN A 72 -11.77 -15.25 15.14
N GLU A 73 -12.55 -14.17 15.29
CA GLU A 73 -13.45 -13.78 14.20
C GLU A 73 -12.69 -13.45 12.93
N LEU A 74 -11.49 -12.87 13.06
CA LEU A 74 -10.74 -12.37 11.92
C LEU A 74 -9.57 -13.27 11.55
N GLY A 75 -9.34 -14.32 12.31
CA GLY A 75 -8.20 -15.19 12.06
C GLY A 75 -6.89 -14.47 12.27
N ALA A 76 -6.86 -13.52 13.20
CA ALA A 76 -5.72 -12.63 13.38
C ALA A 76 -5.01 -12.95 14.68
N GLY A 77 -3.73 -12.60 14.73
CA GLY A 77 -2.95 -12.78 15.92
C GLY A 77 -3.10 -11.61 16.88
N ILE A 78 -2.87 -11.87 18.17
CA ILE A 78 -3.02 -10.82 19.17
C ILE A 78 -2.04 -9.69 18.91
N ALA A 79 -0.82 -10.02 18.47
CA ALA A 79 0.18 -8.98 18.28
C ALA A 79 -0.28 -7.99 17.23
N THR A 80 -0.90 -8.48 16.16
CA THR A 80 -1.41 -7.61 15.10
C THR A 80 -2.53 -6.70 15.62
N ILE A 81 -3.47 -7.27 16.36
CA ILE A 81 -4.58 -6.46 16.87
C ILE A 81 -4.08 -5.39 17.84
N THR A 82 -3.17 -5.77 18.75
CA THR A 82 -2.66 -4.82 19.74
C THR A 82 -1.93 -3.68 19.06
N ARG A 83 -1.12 -4.00 18.05
CA ARG A 83 -0.38 -2.96 17.35
C ARG A 83 -1.34 -2.06 16.59
N GLY A 84 -2.31 -2.65 15.90
CA GLY A 84 -3.32 -1.85 15.22
C GLY A 84 -4.08 -0.93 16.17
N SER A 85 -4.42 -1.42 17.35
CA SER A 85 -5.12 -0.57 18.31
C SER A 85 -4.28 0.65 18.68
N ASN A 86 -2.96 0.48 18.77
CA ASN A 86 -2.10 1.63 19.05
C ASN A 86 -2.03 2.60 17.88
N TYR A 87 -1.92 2.10 16.66
CA TYR A 87 -1.94 2.99 15.51
C TYR A 87 -3.25 3.76 15.47
N LEU A 88 -4.36 3.09 15.77
CA LEU A 88 -5.67 3.76 15.75
C LEU A 88 -5.76 4.82 16.82
N LYS A 89 -5.25 4.53 18.02
CA LYS A 89 -5.24 5.53 19.09
C LYS A 89 -4.44 6.77 18.70
N ALA A 90 -3.35 6.56 17.97
CA ALA A 90 -2.46 7.65 17.56
C ALA A 90 -3.01 8.46 16.40
N ALA A 91 -4.04 7.98 15.71
CA ALA A 91 -4.52 8.63 14.51
C ALA A 91 -5.21 9.95 14.84
N PRO A 92 -5.21 10.90 13.90
CA PRO A 92 -5.85 12.18 14.18
C PRO A 92 -7.36 12.06 14.29
N VAL A 93 -7.95 12.98 15.05
CA VAL A 93 -9.38 12.91 15.34
C VAL A 93 -10.20 12.97 14.06
N GLU A 94 -9.80 13.80 13.09
CA GLU A 94 -10.55 13.92 11.85
C GLU A 94 -10.64 12.58 11.12
N LEU A 95 -9.54 11.82 11.13
CA LEU A 95 -9.56 10.51 10.48
C LEU A 95 -10.47 9.54 11.24
N ARG A 96 -10.36 9.50 12.57
CA ARG A 96 -11.17 8.57 13.34
C ARG A 96 -12.66 8.84 13.13
N GLN A 97 -13.06 10.11 13.13
CA GLN A 97 -14.46 10.45 12.94
C GLN A 97 -14.94 10.08 11.54
N TRP A 98 -14.10 10.29 10.52
CA TRP A 98 -14.48 9.89 9.17
C TRP A 98 -14.59 8.38 9.04
N LEU A 99 -13.66 7.64 9.65
CA LEU A 99 -13.74 6.19 9.62
C LEU A 99 -15.02 5.67 10.25
N GLU A 100 -15.43 6.24 11.39
CA GLU A 100 -16.68 5.82 12.00
C GLU A 100 -17.85 6.03 11.04
N GLU A 101 -17.85 7.15 10.32
CA GLU A 101 -18.91 7.46 9.36
C GLU A 101 -18.91 6.48 8.19
N VAL A 102 -17.74 6.23 7.61
CA VAL A 102 -17.72 5.47 6.36
C VAL A 102 -17.64 3.96 6.55
N LEU A 103 -17.12 3.47 7.67
CA LEU A 103 -17.07 2.02 7.93
C LEU A 103 -18.28 1.51 8.71
N LEU A 104 -18.81 2.29 9.65
CA LEU A 104 -19.86 1.81 10.54
C LEU A 104 -21.24 2.32 10.19
N LYS A 105 -21.36 3.40 9.43
CA LYS A 105 -22.67 3.99 9.16
C LYS A 105 -23.02 3.85 7.68
N GLU B 12 -12.38 -16.13 -1.12
CA GLU B 12 -13.37 -15.32 -1.80
C GLU B 12 -13.81 -14.13 -0.96
N GLN B 13 -14.01 -14.36 0.34
CA GLN B 13 -14.34 -13.24 1.21
C GLN B 13 -13.11 -12.39 1.49
N ARG B 14 -11.91 -12.99 1.49
CA ARG B 14 -10.70 -12.18 1.54
C ARG B 14 -10.67 -11.19 0.38
N HIS B 15 -11.16 -11.62 -0.80
CA HIS B 15 -11.17 -10.71 -1.94
C HIS B 15 -12.09 -9.51 -1.69
N GLN B 16 -13.29 -9.75 -1.12
CA GLN B 16 -14.17 -8.61 -0.83
C GLN B 16 -13.55 -7.69 0.20
N GLU B 17 -12.86 -8.27 1.18
CA GLU B 17 -12.20 -7.46 2.20
C GLU B 17 -11.12 -6.59 1.59
N TRP B 18 -10.40 -7.10 0.59
CA TRP B 18 -9.40 -6.29 -0.10
C TRP B 18 -10.07 -5.16 -0.84
N LEU B 19 -11.14 -5.46 -1.54
CA LEU B 19 -11.82 -4.42 -2.29
C LEU B 19 -12.37 -3.35 -1.37
N ARG B 20 -12.77 -3.71 -0.15
CA ARG B 20 -13.24 -2.70 0.77
C ARG B 20 -12.10 -1.76 1.15
N PHE B 21 -10.87 -2.27 1.34
CA PHE B 21 -9.73 -1.39 1.55
C PHE B 21 -9.55 -0.46 0.35
N VAL B 22 -9.58 -1.01 -0.86
CA VAL B 22 -9.35 -0.21 -2.05
C VAL B 22 -10.35 0.95 -2.13
N ASP B 23 -11.61 0.66 -1.82
CA ASP B 23 -12.65 1.69 -1.87
CA ASP B 23 -12.66 1.68 -1.88
C ASP B 23 -12.50 2.70 -0.75
N LEU B 24 -12.14 2.23 0.46
CA LEU B 24 -11.90 3.16 1.56
C LEU B 24 -10.80 4.14 1.20
N LEU B 25 -9.71 3.65 0.63
CA LEU B 25 -8.60 4.50 0.25
C LEU B 25 -8.97 5.44 -0.88
N LYS B 26 -9.75 4.97 -1.86
CA LYS B 26 -10.24 5.86 -2.91
C LYS B 26 -10.96 7.05 -2.30
N ASN B 27 -11.85 6.76 -1.36
CA ASN B 27 -12.63 7.80 -0.71
C ASN B 27 -11.76 8.70 0.16
N ALA B 28 -10.73 8.13 0.78
CA ALA B 28 -9.81 8.96 1.57
C ALA B 28 -9.09 9.96 0.70
N TYR B 29 -8.62 9.55 -0.47
CA TYR B 29 -8.01 10.51 -1.38
C TYR B 29 -9.02 11.60 -1.74
N GLN B 30 -10.27 11.21 -1.99
CA GLN B 30 -11.29 12.19 -2.35
C GLN B 30 -11.49 13.22 -1.25
N ASN B 31 -11.26 12.84 0.00
CA ASN B 31 -11.54 13.67 1.15
C ASN B 31 -10.28 14.23 1.78
N ASP B 32 -9.15 14.07 1.12
CA ASP B 32 -7.87 14.58 1.61
C ASP B 32 -7.47 13.96 2.94
N LEU B 33 -7.81 12.67 3.13
CA LEU B 33 -7.47 11.92 4.33
C LEU B 33 -6.57 10.76 4.01
N HIS B 34 -6.03 10.71 2.80
CA HIS B 34 -5.18 9.59 2.40
C HIS B 34 -3.89 9.53 3.21
N LEU B 35 -3.26 10.67 3.50
CA LEU B 35 -2.00 10.59 4.25
C LEU B 35 -2.22 10.00 5.64
N PRO B 36 -3.15 10.48 6.44
CA PRO B 36 -3.36 9.83 7.73
C PRO B 36 -3.89 8.42 7.61
N LEU B 37 -4.71 8.13 6.61
CA LEU B 37 -5.17 6.76 6.47
C LEU B 37 -4.02 5.81 6.21
N LEU B 38 -3.11 6.20 5.31
CA LEU B 38 -1.97 5.33 5.01
C LEU B 38 -1.02 5.23 6.17
N ASN B 39 -0.94 6.27 6.98
CA ASN B 39 -0.12 6.20 8.19
C ASN B 39 -0.71 5.26 9.24
N LEU B 40 -2.03 5.14 9.25
CA LEU B 40 -2.74 4.20 10.13
C LEU B 40 -2.60 2.77 9.64
N MET B 41 -2.69 2.56 8.34
CA MET B 41 -2.93 1.22 7.80
C MET B 41 -1.66 0.47 7.42
N LEU B 42 -0.53 1.14 7.28
CA LEU B 42 0.74 0.54 6.88
C LEU B 42 1.81 0.79 7.93
N THR B 43 2.70 -0.16 8.11
CA THR B 43 3.82 0.04 9.01
C THR B 43 4.92 0.83 8.32
N PRO B 44 5.88 1.38 9.08
CA PRO B 44 7.03 2.03 8.43
C PRO B 44 7.77 1.16 7.44
N ASP B 45 7.97 -0.12 7.73
CA ASP B 45 8.69 -0.99 6.82
C ASP B 45 7.90 -1.22 5.53
N GLU B 46 6.59 -1.28 5.62
CA GLU B 46 5.76 -1.44 4.43
C GLU B 46 5.77 -0.19 3.57
N ARG B 47 5.70 0.98 4.20
CA ARG B 47 5.77 2.23 3.47
CA ARG B 47 5.77 2.23 3.47
C ARG B 47 7.11 2.38 2.79
N GLU B 48 8.19 2.00 3.47
CA GLU B 48 9.49 2.05 2.85
C GLU B 48 9.58 1.09 1.67
N ALA B 49 9.02 -0.11 1.80
CA ALA B 49 9.02 -1.06 0.70
C ALA B 49 8.30 -0.48 -0.50
N LEU B 50 7.15 0.13 -0.29
CA LEU B 50 6.42 0.69 -1.42
C LEU B 50 7.19 1.79 -2.10
N GLY B 51 7.82 2.68 -1.34
CA GLY B 51 8.64 3.70 -1.97
C GLY B 51 9.76 3.11 -2.79
N THR B 52 10.40 2.07 -2.27
CA THR B 52 11.46 1.43 -3.02
C THR B 52 10.96 0.68 -4.23
N ARG B 53 9.80 0.06 -4.14
CA ARG B 53 9.20 -0.64 -5.28
C ARG B 53 8.94 0.29 -6.45
N VAL B 54 8.56 1.54 -6.17
CA VAL B 54 8.40 2.50 -7.27
C VAL B 54 9.70 2.62 -8.04
N ARG B 55 10.82 2.77 -7.30
CA ARG B 55 12.13 2.91 -7.91
C ARG B 55 12.52 1.65 -8.69
N ILE B 56 12.19 0.48 -8.15
CA ILE B 56 12.48 -0.76 -8.84
C ILE B 56 11.73 -0.82 -10.16
N VAL B 57 10.41 -0.54 -10.10
CA VAL B 57 9.62 -0.56 -11.33
C VAL B 57 10.19 0.40 -12.35
N GLU B 58 10.55 1.61 -11.94
CA GLU B 58 11.16 2.57 -12.84
C GLU B 58 12.37 1.97 -13.54
N GLU B 59 13.27 1.40 -12.77
CA GLU B 59 14.49 0.89 -13.38
C GLU B 59 14.26 -0.35 -14.23
N LEU B 60 13.29 -1.18 -13.87
CA LEU B 60 12.98 -2.32 -14.71
C LEU B 60 12.38 -1.88 -16.03
N LEU B 61 11.51 -0.87 -16.00
CA LEU B 61 10.96 -0.33 -17.23
C LEU B 61 12.04 0.29 -18.09
N ARG B 62 13.00 0.98 -17.47
CA ARG B 62 14.11 1.55 -18.21
C ARG B 62 14.94 0.45 -18.84
N GLY B 63 15.17 -0.65 -18.14
CA GLY B 63 15.82 -1.79 -18.76
C GLY B 63 17.28 -1.60 -19.16
N GLU B 64 18.00 -0.68 -18.52
CA GLU B 64 19.38 -0.43 -18.86
C GLU B 64 20.39 -1.06 -17.91
N MET B 65 19.99 -1.49 -16.71
CA MET B 65 20.92 -1.96 -15.70
CA MET B 65 20.92 -1.96 -15.71
C MET B 65 20.97 -3.48 -15.61
N SER B 66 22.16 -3.99 -15.28
CA SER B 66 22.38 -5.39 -14.95
C SER B 66 21.87 -5.67 -13.54
N GLN B 67 21.87 -6.95 -13.15
CA GLN B 67 21.34 -7.31 -11.83
C GLN B 67 22.21 -6.73 -10.72
N ARG B 68 23.53 -6.85 -10.82
CA ARG B 68 24.39 -6.28 -9.80
C ARG B 68 24.20 -4.77 -9.73
N GLU B 69 24.03 -4.14 -10.88
CA GLU B 69 23.83 -2.69 -10.92
C GLU B 69 22.52 -2.28 -10.27
N LEU B 70 21.44 -3.05 -10.52
CA LEU B 70 20.16 -2.79 -9.87
C LEU B 70 20.27 -2.87 -8.35
N LYS B 71 20.92 -3.90 -7.85
CA LYS B 71 21.08 -4.06 -6.41
C LYS B 71 21.74 -2.83 -5.79
N ASN B 72 22.82 -2.34 -6.42
CA ASN B 72 23.56 -1.23 -5.85
CA ASN B 72 23.54 -1.22 -5.84
C ASN B 72 22.75 0.07 -5.98
N GLU B 73 22.19 0.33 -7.16
CA GLU B 73 21.48 1.57 -7.41
C GLU B 73 20.27 1.70 -6.51
N LEU B 74 19.60 0.60 -6.26
CA LEU B 74 18.31 0.57 -5.57
C LEU B 74 18.48 0.32 -4.08
N GLY B 75 19.62 -0.20 -3.64
CA GLY B 75 19.77 -0.61 -2.24
C GLY B 75 18.79 -1.70 -1.89
N ALA B 76 18.47 -2.56 -2.85
CA ALA B 76 17.42 -3.55 -2.72
C ALA B 76 17.99 -4.93 -3.01
N GLY B 77 17.34 -5.97 -2.48
CA GLY B 77 17.78 -7.33 -2.68
C GLY B 77 17.27 -7.95 -3.97
N ILE B 78 18.03 -8.93 -4.46
CA ILE B 78 17.69 -9.58 -5.70
C ILE B 78 16.38 -10.33 -5.59
N ALA B 79 16.07 -10.92 -4.43
CA ALA B 79 14.81 -11.69 -4.38
C ALA B 79 13.61 -10.80 -4.68
N THR B 80 13.57 -9.61 -4.07
CA THR B 80 12.42 -8.74 -4.28
C THR B 80 12.40 -8.18 -5.70
N ILE B 81 13.58 -7.85 -6.23
CA ILE B 81 13.65 -7.37 -7.61
C ILE B 81 13.12 -8.44 -8.57
N THR B 82 13.52 -9.68 -8.36
CA THR B 82 13.12 -10.77 -9.23
C THR B 82 11.62 -10.97 -9.22
N ARG B 83 11.00 -10.95 -8.07
CA ARG B 83 9.56 -11.11 -8.00
C ARG B 83 8.86 -9.92 -8.63
N GLY B 84 9.30 -8.69 -8.32
CA GLY B 84 8.65 -7.56 -8.93
C GLY B 84 8.77 -7.54 -10.44
N SER B 85 9.87 -8.06 -10.97
CA SER B 85 10.00 -8.13 -12.41
C SER B 85 8.94 -9.05 -13.02
N ASN B 86 8.64 -10.17 -12.37
CA ASN B 86 7.56 -11.03 -12.87
C ASN B 86 6.20 -10.35 -12.75
N TYR B 87 5.92 -9.67 -11.65
CA TYR B 87 4.67 -8.93 -11.55
C TYR B 87 4.57 -7.91 -12.67
N LEU B 88 5.68 -7.22 -12.98
CA LEU B 88 5.65 -6.23 -14.06
C LEU B 88 5.42 -6.89 -15.40
N LYS B 89 6.05 -8.02 -15.65
CA LYS B 89 5.81 -8.75 -16.89
C LYS B 89 4.33 -9.10 -17.06
N ALA B 90 3.65 -9.44 -15.99
CA ALA B 90 2.27 -9.83 -16.02
C ALA B 90 1.31 -8.66 -16.10
N ALA B 91 1.76 -7.41 -15.92
CA ALA B 91 0.86 -6.26 -15.84
C ALA B 91 0.20 -5.97 -17.18
N PRO B 92 -1.01 -5.46 -17.16
CA PRO B 92 -1.69 -5.09 -18.40
C PRO B 92 -0.98 -3.94 -19.12
N VAL B 93 -1.04 -3.92 -20.43
CA VAL B 93 -0.39 -2.85 -21.19
C VAL B 93 -1.04 -1.51 -20.90
N GLU B 94 -2.34 -1.49 -20.56
CA GLU B 94 -2.96 -0.25 -20.18
C GLU B 94 -2.21 0.37 -19.01
N LEU B 95 -1.84 -0.44 -18.04
CA LEU B 95 -1.05 0.05 -16.90
C LEU B 95 0.39 0.34 -17.32
N ARG B 96 1.02 -0.58 -18.02
CA ARG B 96 2.44 -0.41 -18.36
C ARG B 96 2.70 0.86 -19.15
N GLN B 97 1.87 1.16 -20.12
CA GLN B 97 2.11 2.35 -20.90
C GLN B 97 1.97 3.59 -20.06
N TRP B 98 1.00 3.58 -19.15
CA TRP B 98 0.84 4.71 -18.22
C TRP B 98 2.06 4.83 -17.30
N LEU B 99 2.55 3.71 -16.76
CA LEU B 99 3.75 3.75 -15.92
C LEU B 99 4.99 4.23 -16.67
N GLU B 100 5.13 3.85 -17.94
CA GLU B 100 6.28 4.32 -18.70
C GLU B 100 6.18 5.81 -18.83
N GLU B 101 4.97 6.32 -19.09
CA GLU B 101 4.77 7.75 -19.23
C GLU B 101 5.15 8.48 -17.95
N VAL B 102 4.77 7.92 -16.82
CA VAL B 102 4.98 8.59 -15.54
C VAL B 102 6.40 8.37 -15.03
N LEU B 103 6.83 7.09 -14.96
CA LEU B 103 8.08 6.79 -14.25
C LEU B 103 9.33 7.04 -15.08
N LEU B 104 9.18 7.10 -16.40
CA LEU B 104 10.28 7.41 -17.29
C LEU B 104 10.15 8.79 -17.92
N LYS B 105 9.46 9.70 -17.23
CA LYS B 105 9.10 10.99 -17.81
C LYS B 105 10.27 11.84 -18.23
N SER B 106 11.45 11.66 -17.62
CA SER B 106 12.60 12.48 -18.01
C SER B 106 13.47 11.82 -19.08
N ASP B 107 13.21 10.56 -19.41
CA ASP B 107 14.19 9.86 -20.25
C ASP B 107 14.11 10.33 -21.68
N LEU B 108 15.27 10.55 -22.28
CA LEU B 108 15.34 10.86 -23.71
C LEU B 108 15.21 9.61 -24.55
#